data_6IM5
#
_entry.id   6IM5
#
_cell.length_a   36.537
_cell.length_b   89.356
_cell.length_c   135.569
_cell.angle_alpha   90.00
_cell.angle_beta   90.00
_cell.angle_gamma   90.00
#
_symmetry.space_group_name_H-M   'P 21 21 21'
#
loop_
_entity.id
_entity.type
_entity.pdbx_description
1 polymer 'Transcriptional enhancer factor TEF-1'
2 non-polymer 'PHOSPHATE ION'
3 water water
#
_entity_poly.entity_id   1
_entity_poly.type   'polypeptide(L)'
_entity_poly.pdbx_seq_one_letter_code
;GSHMASMTGGQQMGRGSIGTTKLRLVEFSAFLEQQRDPDSYNKHLFVHIGHANHSYSDPLLESVDIRQIYDKFPEKKGGL
KELFGKGPQNAFFLVKFWADLNCNIQDDAGAFYGVTSQYESSENMTVTCSTKVCSFGKQVVEKVETEYARFENGRFVYRI
NRSPMCEYMINFIHKLKHLPEKYMMNSVLENFTILLVVTNRDTQETLLCMACVFEVSNSEHGAQHHIYRLVKD
;
_entity_poly.pdbx_strand_id   A,B
#
loop_
_chem_comp.id
_chem_comp.type
_chem_comp.name
_chem_comp.formula
PO4 non-polymer 'PHOSPHATE ION' 'O4 P -3'
#
# COMPACT_ATOMS: atom_id res chain seq x y z
N SER A 2 7.14 -36.99 7.96
CA SER A 2 7.17 -35.81 7.09
C SER A 2 7.84 -36.14 5.77
N HIS A 3 7.37 -35.50 4.70
CA HIS A 3 7.99 -35.61 3.39
C HIS A 3 8.40 -34.22 2.94
N MET A 4 9.71 -34.02 2.78
CA MET A 4 10.29 -32.71 2.50
C MET A 4 10.63 -32.62 1.01
N ALA A 5 10.05 -31.64 0.33
CA ALA A 5 10.32 -31.47 -1.10
C ALA A 5 9.94 -30.06 -1.50
N SER A 6 10.43 -29.62 -2.65
CA SER A 6 10.04 -28.31 -3.12
C SER A 6 8.77 -28.41 -3.95
N MET A 7 8.10 -27.27 -4.15
CA MET A 7 6.86 -27.24 -4.92
C MET A 7 7.15 -27.15 -6.41
N ILE A 18 4.73 -20.28 -0.18
CA ILE A 18 3.37 -20.66 -0.51
C ILE A 18 3.06 -20.34 -1.96
N GLY A 19 3.04 -21.35 -2.81
CA GLY A 19 2.68 -21.11 -4.18
C GLY A 19 3.00 -22.23 -5.13
N THR A 20 2.08 -22.50 -6.04
CA THR A 20 2.32 -23.46 -7.11
C THR A 20 3.15 -22.78 -8.18
N THR A 21 3.24 -23.45 -9.31
CA THR A 21 3.78 -22.82 -10.49
C THR A 21 2.74 -21.94 -11.20
N LYS A 22 1.49 -21.92 -10.72
CA LYS A 22 0.45 -21.05 -11.30
C LYS A 22 0.16 -19.79 -10.50
N LEU A 23 0.33 -19.81 -9.19
CA LEU A 23 0.13 -18.64 -8.35
C LEU A 23 1.02 -18.78 -7.13
N ARG A 24 1.64 -17.68 -6.74
CA ARG A 24 2.57 -17.66 -5.62
C ARG A 24 2.13 -16.54 -4.67
N LEU A 25 2.14 -16.83 -3.37
CA LEU A 25 1.95 -15.78 -2.38
C LEU A 25 3.28 -15.07 -2.15
N VAL A 26 3.30 -13.75 -2.34
CA VAL A 26 4.52 -12.97 -2.26
C VAL A 26 4.57 -12.23 -0.93
N GLU A 27 3.42 -11.79 -0.44
CA GLU A 27 3.36 -10.98 0.77
C GLU A 27 2.02 -11.19 1.46
N PHE A 28 2.06 -11.23 2.79
CA PHE A 28 0.86 -11.26 3.59
C PHE A 28 1.17 -10.54 4.89
N SER A 29 0.29 -9.65 5.32
CA SER A 29 0.53 -9.00 6.60
C SER A 29 -0.81 -8.59 7.17
N ALA A 30 -1.05 -8.95 8.43
CA ALA A 30 -2.21 -8.47 9.16
C ALA A 30 -1.75 -7.47 10.20
N PHE A 31 -2.44 -6.33 10.28
CA PHE A 31 -1.87 -5.21 11.01
C PHE A 31 -2.95 -4.41 11.71
N LEU A 32 -2.51 -3.59 12.66
CA LEU A 32 -3.31 -2.59 13.32
C LEU A 32 -2.60 -1.26 13.10
N GLU A 33 -3.27 -0.34 12.42
CA GLU A 33 -2.71 0.97 12.17
C GLU A 33 -3.45 2.00 13.00
N GLN A 34 -2.71 2.77 13.78
CA GLN A 34 -3.32 3.75 14.68
C GLN A 34 -2.84 5.15 14.29
N GLN A 35 -3.80 6.03 14.02
CA GLN A 35 -3.48 7.43 13.77
C GLN A 35 -3.28 8.15 15.09
N ARG A 36 -2.14 8.81 15.24
CA ARG A 36 -1.97 9.70 16.40
C ARG A 36 -2.42 11.12 16.07
N ASP A 37 -2.19 11.55 14.84
CA ASP A 37 -2.65 12.83 14.32
C ASP A 37 -2.59 12.75 12.80
N PRO A 38 -3.10 13.76 12.08
CA PRO A 38 -3.17 13.63 10.61
C PRO A 38 -1.84 13.30 9.93
N ASP A 39 -0.70 13.54 10.56
CA ASP A 39 0.60 13.25 9.94
C ASP A 39 1.39 12.16 10.66
N SER A 40 0.80 11.42 11.59
CA SER A 40 1.58 10.50 12.41
C SER A 40 0.78 9.21 12.62
N TYR A 41 1.36 8.10 12.20
CA TYR A 41 0.70 6.80 12.27
C TYR A 41 1.65 5.80 12.88
N ASN A 42 1.10 4.86 13.66
CA ASN A 42 1.84 3.68 14.07
C ASN A 42 1.17 2.47 13.46
N LYS A 43 2.00 1.51 13.04
CA LYS A 43 1.50 0.26 12.49
C LYS A 43 2.13 -0.90 13.25
N HIS A 44 1.30 -1.80 13.74
CA HIS A 44 1.72 -3.01 14.41
C HIS A 44 1.37 -4.21 13.54
N LEU A 45 2.32 -5.12 13.34
CA LEU A 45 2.07 -6.34 12.57
C LEU A 45 1.75 -7.50 13.49
N PHE A 46 0.58 -8.11 13.30
CA PHE A 46 0.21 -9.33 14.04
C PHE A 46 0.91 -10.55 13.48
N VAL A 47 0.84 -10.75 12.16
CA VAL A 47 1.57 -11.79 11.46
C VAL A 47 2.07 -11.21 10.14
N HIS A 48 3.07 -11.87 9.56
CA HIS A 48 3.59 -11.42 8.27
C HIS A 48 4.31 -12.57 7.57
N ILE A 49 4.18 -12.58 6.25
CA ILE A 49 4.91 -13.49 5.37
C ILE A 49 5.51 -12.64 4.26
N GLY A 50 6.80 -12.85 3.98
CA GLY A 50 7.45 -12.18 2.87
C GLY A 50 8.10 -10.86 3.22
N HIS A 51 8.18 -10.52 4.50
CA HIS A 51 8.85 -9.30 4.94
C HIS A 51 10.35 -9.53 5.16
N ASP A 58 11.78 -21.19 -4.19
CA ASP A 58 11.17 -22.51 -4.09
C ASP A 58 11.90 -23.39 -3.09
N PRO A 59 11.73 -23.10 -1.81
CA PRO A 59 12.46 -23.82 -0.76
C PRO A 59 11.88 -25.21 -0.56
N LEU A 60 12.66 -26.05 0.12
CA LEU A 60 12.13 -27.34 0.56
C LEU A 60 11.13 -27.11 1.68
N LEU A 61 9.95 -27.70 1.54
CA LEU A 61 8.92 -27.66 2.56
C LEU A 61 8.64 -29.06 3.09
N GLU A 62 8.55 -29.19 4.41
CA GLU A 62 8.10 -30.44 4.98
C GLU A 62 6.59 -30.56 4.80
N SER A 63 6.05 -31.73 5.14
CA SER A 63 4.67 -32.06 4.86
C SER A 63 3.90 -32.35 6.16
N VAL A 64 2.59 -32.21 6.04
CA VAL A 64 1.65 -32.58 7.08
C VAL A 64 0.55 -33.41 6.42
N ASP A 65 0.16 -34.50 7.06
CA ASP A 65 -0.95 -35.32 6.58
C ASP A 65 -2.25 -34.54 6.77
N ILE A 66 -2.93 -34.22 5.66
CA ILE A 66 -4.10 -33.35 5.75
C ILE A 66 -5.22 -33.98 6.56
N ARG A 67 -5.23 -35.29 6.73
CA ARG A 67 -6.34 -35.90 7.44
C ARG A 67 -6.40 -35.44 8.89
N GLN A 68 -5.29 -35.00 9.45
CA GLN A 68 -5.30 -34.60 10.85
C GLN A 68 -5.82 -33.18 11.07
N ILE A 69 -6.15 -32.44 10.01
CA ILE A 69 -6.72 -31.10 10.20
C ILE A 69 -8.15 -31.01 9.69
N TYR A 70 -8.69 -32.09 9.12
CA TYR A 70 -10.04 -32.03 8.56
C TYR A 70 -11.06 -31.56 9.59
N ASP A 71 -10.91 -31.95 10.85
CA ASP A 71 -11.90 -31.56 11.86
C ASP A 71 -11.70 -30.14 12.37
N LYS A 72 -10.77 -29.39 11.81
CA LYS A 72 -10.57 -28.00 12.19
C LYS A 72 -11.16 -27.03 11.17
N PHE A 73 -11.77 -27.54 10.10
CA PHE A 73 -12.31 -26.74 9.01
C PHE A 73 -13.64 -27.33 8.57
N PRO A 74 -14.48 -26.55 7.88
CA PRO A 74 -15.76 -27.10 7.41
C PRO A 74 -15.55 -28.16 6.35
N GLU A 75 -16.42 -29.19 6.37
CA GLU A 75 -16.11 -30.40 5.63
C GLU A 75 -17.26 -30.98 4.82
N LYS A 76 -18.20 -30.18 4.37
CA LYS A 76 -19.18 -30.85 3.52
C LYS A 76 -19.06 -30.35 2.10
N LYS A 77 -20.16 -29.95 1.48
CA LYS A 77 -20.08 -29.38 0.14
C LYS A 77 -19.16 -28.17 0.15
N GLY A 78 -18.13 -28.21 -0.69
CA GLY A 78 -17.18 -27.12 -0.76
C GLY A 78 -16.18 -27.04 0.38
N GLY A 79 -16.12 -28.06 1.24
CA GLY A 79 -15.21 -28.05 2.36
C GLY A 79 -13.80 -28.42 1.96
N LEU A 80 -12.92 -28.45 2.97
CA LEU A 80 -11.50 -28.66 2.73
C LEU A 80 -11.21 -30.02 2.12
N LYS A 81 -11.80 -31.09 2.66
CA LYS A 81 -11.58 -32.41 2.11
C LYS A 81 -12.00 -32.48 0.65
N GLU A 82 -13.15 -31.90 0.31
CA GLU A 82 -13.60 -31.89 -1.08
C GLU A 82 -12.65 -31.09 -1.96
N LEU A 83 -12.21 -29.92 -1.49
CA LEU A 83 -11.29 -29.09 -2.27
C LEU A 83 -9.98 -29.81 -2.53
N PHE A 84 -9.45 -30.47 -1.50
CA PHE A 84 -8.17 -31.16 -1.66
C PHE A 84 -8.32 -32.33 -2.62
N GLY A 85 -9.44 -33.03 -2.58
CA GLY A 85 -9.65 -34.13 -3.51
C GLY A 85 -9.61 -33.68 -4.96
N LYS A 86 -10.16 -32.49 -5.24
CA LYS A 86 -10.19 -31.97 -6.60
C LYS A 86 -8.82 -31.48 -7.05
N GLY A 87 -7.98 -31.07 -6.11
CA GLY A 87 -6.62 -30.69 -6.45
C GLY A 87 -6.55 -29.33 -7.12
N PRO A 88 -5.38 -28.98 -7.65
CA PRO A 88 -4.15 -29.76 -7.61
C PRO A 88 -3.59 -29.82 -6.20
N GLN A 89 -3.08 -30.98 -5.78
CA GLN A 89 -2.73 -31.09 -4.36
C GLN A 89 -1.51 -30.24 -4.00
N ASN A 90 -0.69 -29.84 -4.99
CA ASN A 90 0.45 -29.00 -4.69
C ASN A 90 0.08 -27.53 -4.47
N ALA A 91 -1.20 -27.20 -4.52
CA ALA A 91 -1.67 -25.86 -4.16
C ALA A 91 -2.03 -25.73 -2.68
N PHE A 92 -1.85 -26.77 -1.87
CA PHE A 92 -2.43 -26.83 -0.53
C PHE A 92 -1.33 -26.80 0.52
N PHE A 93 -1.48 -25.92 1.50
CA PHE A 93 -0.44 -25.68 2.49
C PHE A 93 -1.08 -25.49 3.86
N LEU A 94 -0.35 -25.91 4.89
CA LEU A 94 -0.65 -25.57 6.26
C LEU A 94 0.30 -24.46 6.69
N VAL A 95 -0.24 -23.40 7.28
CA VAL A 95 0.59 -22.33 7.82
C VAL A 95 0.38 -22.28 9.32
N LYS A 96 1.45 -22.44 10.09
CA LYS A 96 1.41 -22.27 11.53
C LYS A 96 1.93 -20.87 11.84
N PHE A 97 1.10 -20.04 12.46
CA PHE A 97 1.48 -18.70 12.85
C PHE A 97 1.75 -18.62 14.34
N TRP A 98 2.76 -17.84 14.71
CA TRP A 98 2.93 -17.33 16.08
C TRP A 98 2.71 -15.83 16.02
N ALA A 99 1.55 -15.38 16.49
CA ALA A 99 1.14 -13.99 16.29
C ALA A 99 1.68 -13.08 17.38
N ASP A 100 2.00 -11.85 16.99
CA ASP A 100 2.45 -10.80 17.90
C ASP A 100 1.24 -10.00 18.36
N LEU A 101 0.85 -10.16 19.62
CA LEU A 101 -0.26 -9.40 20.19
C LEU A 101 0.20 -8.24 21.05
N ASN A 102 1.49 -7.92 21.00
CA ASN A 102 2.07 -6.89 21.89
C ASN A 102 1.89 -5.51 21.26
N CYS A 103 0.70 -4.96 21.42
CA CYS A 103 0.44 -3.61 20.96
C CYS A 103 -0.76 -3.05 21.71
N ASN A 104 -0.86 -1.73 21.70
CA ASN A 104 -2.05 -1.08 22.23
C ASN A 104 -3.23 -1.38 21.33
N ILE A 105 -4.42 -1.46 21.93
CA ILE A 105 -5.67 -1.60 21.17
C ILE A 105 -6.61 -0.48 21.58
N GLN A 106 -6.29 0.75 21.20
CA GLN A 106 -7.15 1.88 21.52
C GLN A 106 -8.52 1.73 20.84
N ASP A 107 -9.57 2.16 21.54
CA ASP A 107 -10.93 2.09 21.01
C ASP A 107 -11.33 3.47 20.53
N ASP A 108 -10.87 3.84 19.33
CA ASP A 108 -11.20 5.14 18.76
C ASP A 108 -11.16 5.06 17.25
N ALA A 109 -11.61 6.14 16.61
CA ALA A 109 -11.76 6.16 15.16
C ALA A 109 -10.42 6.05 14.44
N GLY A 110 -9.32 6.36 15.11
CA GLY A 110 -8.02 6.29 14.47
C GLY A 110 -7.44 4.90 14.32
N ALA A 111 -8.17 3.86 14.75
CA ALA A 111 -7.67 2.48 14.70
C ALA A 111 -8.20 1.80 13.45
N PHE A 112 -7.30 1.20 12.68
CA PHE A 112 -7.70 0.46 11.49
C PHE A 112 -7.06 -0.93 11.54
N TYR A 113 -7.88 -1.96 11.58
CA TYR A 113 -7.41 -3.34 11.53
C TYR A 113 -7.51 -3.81 10.09
N GLY A 114 -6.40 -4.26 9.52
CA GLY A 114 -6.41 -4.58 8.11
C GLY A 114 -5.49 -5.72 7.73
N VAL A 115 -5.60 -6.14 6.48
CA VAL A 115 -4.76 -7.19 5.93
C VAL A 115 -4.34 -6.78 4.53
N THR A 116 -3.05 -6.91 4.23
CA THR A 116 -2.51 -6.65 2.90
C THR A 116 -1.90 -7.94 2.38
N SER A 117 -2.18 -8.27 1.12
CA SER A 117 -1.61 -9.48 0.55
C SER A 117 -1.23 -9.22 -0.90
N GLN A 118 -0.28 -10.01 -1.39
CA GLN A 118 0.13 -9.89 -2.78
C GLN A 118 0.42 -11.26 -3.35
N TYR A 119 -0.15 -11.55 -4.50
CA TYR A 119 0.08 -12.79 -5.23
C TYR A 119 0.66 -12.46 -6.59
N GLU A 120 1.41 -13.40 -7.18
CA GLU A 120 2.00 -13.19 -8.50
C GLU A 120 1.81 -14.43 -9.36
N SER A 121 1.65 -14.21 -10.65
CA SER A 121 1.49 -15.31 -11.59
C SER A 121 2.10 -14.93 -12.92
N SER A 122 2.51 -15.94 -13.68
CA SER A 122 2.85 -15.72 -15.07
C SER A 122 1.62 -15.52 -15.95
N GLU A 123 0.43 -15.87 -15.46
CA GLU A 123 -0.79 -15.82 -16.24
C GLU A 123 -1.68 -14.67 -15.79
N ASN A 124 -2.39 -14.08 -16.76
CA ASN A 124 -3.35 -13.02 -16.51
C ASN A 124 -4.70 -13.69 -16.22
N MET A 125 -5.18 -13.53 -15.00
CA MET A 125 -6.38 -14.19 -14.52
C MET A 125 -7.21 -13.20 -13.74
N THR A 126 -8.47 -13.56 -13.51
CA THR A 126 -9.25 -12.92 -12.48
C THR A 126 -9.31 -13.88 -11.31
N VAL A 127 -8.96 -13.41 -10.12
CA VAL A 127 -8.92 -14.36 -9.01
C VAL A 127 -9.92 -13.93 -7.94
N THR A 128 -10.44 -14.91 -7.24
CA THR A 128 -11.29 -14.69 -6.09
C THR A 128 -10.53 -15.16 -4.87
N CYS A 129 -10.42 -14.31 -3.86
CA CYS A 129 -9.80 -14.65 -2.58
C CYS A 129 -10.91 -14.83 -1.55
N SER A 130 -11.02 -16.03 -1.00
CA SER A 130 -11.97 -16.35 0.06
C SER A 130 -11.21 -16.54 1.36
N THR A 131 -11.61 -15.82 2.40
CA THR A 131 -11.04 -15.99 3.73
C THR A 131 -12.16 -16.44 4.65
N LYS A 132 -12.05 -17.65 5.19
CA LYS A 132 -13.06 -18.19 6.09
C LYS A 132 -12.50 -18.23 7.50
N VAL A 133 -13.15 -17.50 8.41
CA VAL A 133 -12.83 -17.57 9.83
C VAL A 133 -13.65 -18.68 10.44
N CYS A 134 -12.98 -19.58 11.15
CA CYS A 134 -13.62 -20.80 11.64
C CYS A 134 -13.38 -20.92 13.14
N SER A 135 -14.43 -21.32 13.84
CA SER A 135 -14.37 -21.54 15.28
C SER A 135 -14.93 -22.93 15.55
N PHE A 136 -14.13 -23.78 16.19
CA PHE A 136 -14.50 -25.17 16.41
C PHE A 136 -14.83 -25.86 15.10
N GLY A 137 -14.08 -25.48 14.05
CA GLY A 137 -14.25 -26.06 12.74
C GLY A 137 -15.47 -25.57 11.98
N LYS A 138 -16.21 -24.62 12.53
CA LYS A 138 -17.40 -24.09 11.88
C LYS A 138 -17.11 -22.69 11.33
N GLN A 139 -17.59 -22.42 10.12
CA GLN A 139 -17.40 -21.10 9.54
C GLN A 139 -18.24 -20.08 10.29
N VAL A 140 -17.60 -19.01 10.76
CA VAL A 140 -18.34 -17.91 11.36
C VAL A 140 -18.37 -16.66 10.47
N VAL A 141 -17.33 -16.43 9.68
CA VAL A 141 -17.30 -15.31 8.71
C VAL A 141 -16.65 -15.81 7.44
N GLU A 142 -17.15 -15.37 6.29
CA GLU A 142 -16.38 -15.50 5.05
C GLU A 142 -16.25 -14.14 4.40
N LYS A 143 -15.03 -13.77 4.05
CA LYS A 143 -14.74 -12.59 3.23
C LYS A 143 -14.43 -13.06 1.81
N VAL A 144 -15.03 -12.40 0.82
CA VAL A 144 -14.82 -12.75 -0.58
C VAL A 144 -14.42 -11.50 -1.34
N GLU A 145 -13.25 -11.55 -1.96
CA GLU A 145 -12.71 -10.40 -2.69
C GLU A 145 -12.33 -10.87 -4.09
N THR A 146 -12.72 -10.10 -5.10
CA THR A 146 -12.40 -10.41 -6.50
C THR A 146 -11.32 -9.45 -6.96
N GLU A 147 -10.26 -9.99 -7.58
CA GLU A 147 -9.08 -9.19 -7.91
C GLU A 147 -8.69 -9.40 -9.36
N TYR A 148 -8.47 -8.31 -10.07
CA TYR A 148 -7.92 -8.36 -11.42
C TYR A 148 -6.42 -8.08 -11.38
N ALA A 149 -5.72 -8.48 -12.44
CA ALA A 149 -4.27 -8.43 -12.47
C ALA A 149 -3.76 -7.07 -12.89
N ARG A 150 -2.56 -6.74 -12.42
CA ARG A 150 -1.76 -5.66 -12.96
C ARG A 150 -0.47 -6.25 -13.50
N PHE A 151 -0.07 -5.84 -14.70
CA PHE A 151 1.23 -6.24 -15.22
C PHE A 151 2.30 -5.38 -14.59
N GLU A 152 3.30 -6.04 -13.99
CA GLU A 152 4.39 -5.37 -13.29
C GLU A 152 5.63 -6.22 -13.45
N ASN A 153 6.74 -5.60 -13.84
CA ASN A 153 8.05 -6.27 -13.84
C ASN A 153 7.97 -7.65 -14.52
N GLY A 154 7.26 -7.71 -15.64
CA GLY A 154 7.20 -8.94 -16.41
C GLY A 154 6.35 -10.07 -15.88
N ARG A 155 5.43 -9.78 -14.95
CA ARG A 155 4.52 -10.80 -14.43
C ARG A 155 3.21 -10.13 -14.06
N PHE A 156 2.24 -10.92 -13.66
CA PHE A 156 0.94 -10.40 -13.25
C PHE A 156 0.87 -10.42 -11.73
N VAL A 157 0.50 -9.28 -11.15
CA VAL A 157 0.50 -9.08 -9.71
C VAL A 157 -0.93 -8.86 -9.24
N TYR A 158 -1.28 -9.45 -8.10
CA TYR A 158 -2.64 -9.39 -7.54
C TYR A 158 -2.48 -8.89 -6.11
N ARG A 159 -2.77 -7.61 -5.89
CA ARG A 159 -2.54 -7.00 -4.59
C ARG A 159 -3.87 -6.64 -3.95
N ILE A 160 -4.01 -6.98 -2.68
CA ILE A 160 -5.14 -6.54 -1.87
C ILE A 160 -4.54 -5.63 -0.82
N ASN A 161 -4.81 -4.34 -0.94
CA ASN A 161 -4.21 -3.33 -0.10
C ASN A 161 -5.21 -2.94 0.98
N ARG A 162 -4.83 -3.11 2.24
CA ARG A 162 -5.61 -2.60 3.38
C ARG A 162 -7.07 -3.10 3.37
N SER A 163 -7.23 -4.40 3.25
CA SER A 163 -8.55 -4.98 3.36
C SER A 163 -8.96 -4.97 4.84
N PRO A 164 -10.13 -4.43 5.17
CA PRO A 164 -10.49 -4.31 6.60
C PRO A 164 -10.79 -5.66 7.22
N MET A 165 -10.29 -5.85 8.45
CA MET A 165 -10.67 -7.04 9.20
C MET A 165 -12.14 -6.99 9.58
N CYS A 166 -12.76 -8.17 9.67
CA CYS A 166 -14.15 -8.26 10.10
C CYS A 166 -14.28 -8.01 11.60
N GLU A 167 -15.51 -7.69 12.03
CA GLU A 167 -15.76 -7.38 13.42
C GLU A 167 -15.41 -8.55 14.33
N TYR A 168 -15.73 -9.78 13.91
CA TYR A 168 -15.43 -10.96 14.73
C TYR A 168 -13.95 -11.01 15.07
N MET A 169 -13.10 -10.73 14.07
CA MET A 169 -11.67 -10.81 14.31
C MET A 169 -11.20 -9.71 15.23
N ILE A 170 -11.73 -8.49 15.06
CA ILE A 170 -11.28 -7.41 15.93
C ILE A 170 -11.65 -7.72 17.37
N ASN A 171 -12.88 -8.19 17.59
CA ASN A 171 -13.31 -8.51 18.94
C ASN A 171 -12.49 -9.66 19.51
N PHE A 172 -12.13 -10.63 18.67
CA PHE A 172 -11.37 -11.79 19.11
C PHE A 172 -9.98 -11.38 19.59
N ILE A 173 -9.31 -10.50 18.84
CA ILE A 173 -8.01 -9.99 19.27
C ILE A 173 -8.12 -9.31 20.63
N HIS A 174 -9.16 -8.50 20.81
CA HIS A 174 -9.39 -7.84 22.09
C HIS A 174 -9.57 -8.86 23.21
N LYS A 175 -10.36 -9.89 22.96
CA LYS A 175 -10.58 -10.93 23.98
C LYS A 175 -9.29 -11.64 24.35
N LEU A 176 -8.47 -11.99 23.35
CA LEU A 176 -7.21 -12.67 23.63
C LEU A 176 -6.29 -11.79 24.47
N LYS A 177 -6.23 -10.50 24.14
CA LYS A 177 -5.31 -9.60 24.84
C LYS A 177 -5.66 -9.43 26.32
N HIS A 178 -6.92 -9.65 26.70
CA HIS A 178 -7.30 -9.53 28.10
C HIS A 178 -6.83 -10.70 28.95
N LEU A 179 -6.41 -11.81 28.34
CA LEU A 179 -5.93 -12.94 29.13
C LEU A 179 -4.54 -12.64 29.70
N PRO A 180 -4.25 -13.12 30.92
CA PRO A 180 -3.00 -12.72 31.59
C PRO A 180 -1.76 -13.52 31.20
N GLU A 181 -1.90 -14.67 30.54
CA GLU A 181 -0.74 -15.45 30.13
C GLU A 181 -0.91 -15.92 28.69
N LYS A 182 0.21 -15.97 27.98
CA LYS A 182 0.17 -16.45 26.60
C LYS A 182 -0.30 -17.89 26.50
N TYR A 183 0.00 -18.75 27.48
CA TYR A 183 -0.46 -20.13 27.35
C TYR A 183 -1.99 -20.23 27.42
N MET A 184 -2.65 -19.29 28.08
CA MET A 184 -4.10 -19.26 28.07
C MET A 184 -4.64 -18.83 26.70
N MET A 185 -3.97 -17.85 26.09
CA MET A 185 -4.33 -17.46 24.72
C MET A 185 -4.15 -18.63 23.77
N ASN A 186 -3.06 -19.37 23.92
CA ASN A 186 -2.85 -20.54 23.07
C ASN A 186 -3.97 -21.57 23.24
N SER A 187 -4.48 -21.76 24.47
CA SER A 187 -5.54 -22.74 24.66
C SER A 187 -6.81 -22.32 23.92
N VAL A 188 -7.15 -21.02 23.97
CA VAL A 188 -8.30 -20.53 23.23
C VAL A 188 -8.09 -20.70 21.73
N LEU A 189 -6.86 -20.43 21.26
CA LEU A 189 -6.58 -20.50 19.83
C LEU A 189 -6.60 -21.91 19.28
N GLU A 190 -6.58 -22.92 20.15
CA GLU A 190 -6.66 -24.30 19.64
C GLU A 190 -7.92 -24.52 18.81
N ASN A 191 -8.96 -23.72 19.02
CA ASN A 191 -10.21 -23.91 18.30
C ASN A 191 -10.46 -22.81 17.28
N PHE A 192 -9.42 -22.07 16.89
CA PHE A 192 -9.55 -20.97 15.95
C PHE A 192 -8.69 -21.26 14.73
N THR A 193 -9.29 -21.22 13.53
CA THR A 193 -8.52 -21.43 12.31
C THR A 193 -8.99 -20.47 11.23
N ILE A 194 -8.13 -20.26 10.25
CA ILE A 194 -8.44 -19.46 9.07
C ILE A 194 -8.15 -20.31 7.84
N LEU A 195 -9.09 -20.32 6.89
CA LEU A 195 -8.88 -21.01 5.61
C LEU A 195 -8.89 -19.97 4.50
N LEU A 196 -7.75 -19.81 3.83
CA LEU A 196 -7.60 -18.88 2.72
C LEU A 196 -7.59 -19.69 1.44
N VAL A 197 -8.54 -19.44 0.53
CA VAL A 197 -8.55 -20.15 -0.74
C VAL A 197 -8.56 -19.11 -1.86
N VAL A 198 -7.58 -19.20 -2.75
CA VAL A 198 -7.53 -18.33 -3.92
C VAL A 198 -7.88 -19.18 -5.14
N THR A 199 -8.87 -18.72 -5.89
CA THR A 199 -9.42 -19.48 -7.01
C THR A 199 -9.37 -18.63 -8.28
N ASN A 200 -9.13 -19.29 -9.41
CA ASN A 200 -9.36 -18.63 -10.69
C ASN A 200 -10.87 -18.44 -10.85
N ARG A 201 -11.33 -17.19 -10.86
CA ARG A 201 -12.77 -16.92 -10.86
C ARG A 201 -13.47 -17.60 -12.02
N ASP A 202 -12.82 -17.62 -13.18
CA ASP A 202 -13.49 -18.06 -14.41
C ASP A 202 -13.42 -19.57 -14.62
N THR A 203 -12.35 -20.22 -14.19
CA THR A 203 -12.21 -21.66 -14.36
C THR A 203 -12.54 -22.45 -13.10
N GLN A 204 -12.59 -21.78 -11.95
CA GLN A 204 -12.79 -22.39 -10.64
C GLN A 204 -11.63 -23.29 -10.21
N GLU A 205 -10.46 -23.18 -10.86
CA GLU A 205 -9.30 -23.91 -10.39
C GLU A 205 -8.81 -23.35 -9.06
N THR A 206 -8.50 -24.23 -8.12
CA THR A 206 -7.86 -23.79 -6.88
C THR A 206 -6.41 -23.43 -7.16
N LEU A 207 -6.06 -22.15 -6.97
CA LEU A 207 -4.70 -21.67 -7.18
C LEU A 207 -3.84 -21.79 -5.92
N LEU A 208 -4.43 -21.52 -4.77
CA LEU A 208 -3.70 -21.59 -3.51
C LEU A 208 -4.71 -21.88 -2.42
N CYS A 209 -4.39 -22.79 -1.50
CA CYS A 209 -5.20 -22.99 -0.31
C CYS A 209 -4.28 -23.02 0.89
N MET A 210 -4.48 -22.10 1.84
CA MET A 210 -3.68 -22.04 3.07
C MET A 210 -4.61 -22.30 4.25
N ALA A 211 -4.38 -23.43 4.92
CA ALA A 211 -5.06 -23.75 6.16
C ALA A 211 -4.18 -23.25 7.29
N CYS A 212 -4.72 -22.35 8.11
CA CYS A 212 -3.90 -21.58 9.04
C CYS A 212 -4.27 -21.90 10.48
N VAL A 213 -3.26 -22.17 11.29
CA VAL A 213 -3.42 -22.42 12.72
C VAL A 213 -2.54 -21.43 13.47
N PHE A 214 -2.89 -21.21 14.75
CA PHE A 214 -2.35 -20.06 15.47
C PHE A 214 -1.95 -20.37 16.90
N GLU A 215 -0.81 -19.81 17.31
CA GLU A 215 -0.40 -19.62 18.70
C GLU A 215 0.04 -18.16 18.85
N VAL A 216 0.37 -17.76 20.06
CA VAL A 216 0.93 -16.43 20.29
C VAL A 216 2.44 -16.54 20.36
N SER A 217 3.14 -15.56 19.78
CA SER A 217 4.60 -15.63 19.77
C SER A 217 5.16 -15.39 21.17
N ASN A 218 6.22 -16.14 21.51
CA ASN A 218 6.88 -15.96 22.80
C ASN A 218 7.88 -14.82 22.78
N SER A 219 8.25 -14.33 21.60
CA SER A 219 9.02 -13.10 21.52
C SER A 219 8.20 -11.94 22.09
N GLU A 220 8.91 -10.88 22.45
CA GLU A 220 8.20 -9.69 22.92
C GLU A 220 7.68 -8.85 21.76
N HIS A 221 8.44 -8.77 20.65
CA HIS A 221 8.03 -7.91 19.55
C HIS A 221 8.21 -8.58 18.19
N GLY A 222 8.02 -9.90 18.13
CA GLY A 222 8.17 -10.63 16.89
C GLY A 222 6.98 -11.53 16.64
N ALA A 223 6.79 -11.85 15.36
CA ALA A 223 5.86 -12.85 14.87
C ALA A 223 6.64 -13.84 14.03
N GLN A 224 6.19 -15.10 13.99
CA GLN A 224 6.86 -16.14 13.23
C GLN A 224 5.84 -16.96 12.47
N HIS A 225 6.33 -17.74 11.51
CA HIS A 225 5.43 -18.66 10.83
C HIS A 225 6.24 -19.82 10.30
N HIS A 226 5.53 -20.93 10.06
CA HIS A 226 6.14 -22.07 9.40
C HIS A 226 5.14 -22.63 8.40
N ILE A 227 5.59 -22.90 7.17
CA ILE A 227 4.73 -23.39 6.10
C ILE A 227 5.05 -24.85 5.83
N TYR A 228 4.00 -25.65 5.64
CA TYR A 228 4.10 -27.07 5.31
C TYR A 228 3.23 -27.37 4.09
N ARG A 229 3.66 -28.35 3.30
CA ARG A 229 2.80 -28.87 2.25
C ARG A 229 1.77 -29.82 2.85
N LEU A 230 0.54 -29.75 2.36
CA LEU A 230 -0.46 -30.72 2.78
C LEU A 230 -0.45 -31.92 1.83
N VAL A 231 -0.38 -33.14 2.39
CA VAL A 231 -0.31 -34.35 1.59
C VAL A 231 -1.42 -35.29 2.03
N LYS A 232 -1.80 -36.21 1.14
CA LYS A 232 -3.06 -36.92 1.31
C LYS A 232 -3.00 -37.95 2.43
N ASP A 233 -1.83 -38.47 2.75
CA ASP A 233 -1.73 -39.45 3.83
C ASP A 233 -0.33 -39.48 4.43
N SER B 2 -7.68 36.33 -10.56
CA SER B 2 -8.02 34.91 -10.48
C SER B 2 -9.37 34.64 -11.15
N HIS B 3 -9.49 33.48 -11.78
CA HIS B 3 -10.77 32.96 -12.24
C HIS B 3 -11.01 31.64 -11.52
N MET B 4 -12.15 31.54 -10.84
CA MET B 4 -12.53 30.34 -10.10
C MET B 4 -13.54 29.57 -10.94
N ALA B 5 -13.18 28.36 -11.37
CA ALA B 5 -14.10 27.55 -12.17
C ALA B 5 -13.75 26.08 -12.03
N SER B 6 -14.69 25.24 -12.45
CA SER B 6 -14.52 23.79 -12.53
C SER B 6 -14.03 23.41 -13.92
N MET B 7 -13.36 22.27 -14.01
CA MET B 7 -12.97 21.76 -15.34
C MET B 7 -13.75 20.52 -15.75
N ILE B 18 -7.16 17.40 -8.35
CA ILE B 18 -6.41 17.56 -9.58
C ILE B 18 -6.82 16.48 -10.56
N GLY B 19 -7.71 16.81 -11.48
CA GLY B 19 -8.15 15.80 -12.42
C GLY B 19 -8.80 16.40 -13.65
N THR B 20 -8.81 15.60 -14.71
CA THR B 20 -9.56 15.86 -15.92
C THR B 20 -10.51 14.71 -16.14
N THR B 21 -11.18 14.72 -17.28
CA THR B 21 -11.97 13.55 -17.65
C THR B 21 -11.10 12.37 -18.05
N LYS B 22 -9.79 12.55 -18.24
CA LYS B 22 -8.94 11.44 -18.65
C LYS B 22 -8.13 10.84 -17.49
N LEU B 23 -7.66 11.64 -16.55
CA LEU B 23 -6.89 11.12 -15.42
C LEU B 23 -7.06 12.06 -14.24
N ARG B 24 -7.25 11.48 -13.05
CA ARG B 24 -7.30 12.30 -11.84
C ARG B 24 -6.36 11.74 -10.79
N LEU B 25 -5.70 12.65 -10.08
CA LEU B 25 -4.94 12.28 -8.90
C LEU B 25 -5.91 12.09 -7.74
N VAL B 26 -5.85 10.93 -7.09
CA VAL B 26 -6.75 10.60 -6.01
C VAL B 26 -6.05 10.56 -4.66
N GLU B 27 -4.76 10.19 -4.62
CA GLU B 27 -3.99 10.15 -3.39
C GLU B 27 -2.54 10.47 -3.68
N PHE B 28 -1.91 11.21 -2.76
CA PHE B 28 -0.48 11.47 -2.82
C PHE B 28 -0.01 11.62 -1.38
N SER B 29 1.12 11.01 -1.06
CA SER B 29 1.69 11.27 0.25
C SER B 29 3.18 11.00 0.21
N ALA B 30 3.93 11.85 0.90
CA ALA B 30 5.37 11.69 1.05
C ALA B 30 5.64 11.50 2.53
N PHE B 31 6.44 10.50 2.86
CA PHE B 31 6.51 10.07 4.25
C PHE B 31 7.91 9.58 4.61
N LEU B 32 8.13 9.47 5.92
CA LEU B 32 9.28 8.82 6.51
C LEU B 32 8.75 7.73 7.44
N GLU B 33 9.14 6.49 7.18
CA GLU B 33 8.73 5.37 8.01
C GLU B 33 9.94 4.82 8.75
N GLN B 34 9.83 4.70 10.07
CA GLN B 34 10.91 4.20 10.90
C GLN B 34 10.44 2.94 11.61
N GLN B 35 11.27 1.91 11.53
CA GLN B 35 11.02 0.68 12.26
C GLN B 35 11.49 0.82 13.69
N ARG B 36 10.64 0.49 14.65
CA ARG B 36 11.10 0.45 16.03
C ARG B 36 11.47 -0.96 16.46
N ASP B 37 10.88 -1.97 15.82
CA ASP B 37 11.15 -3.39 16.01
C ASP B 37 10.50 -4.11 14.83
N PRO B 38 10.71 -5.42 14.63
CA PRO B 38 10.24 -6.04 13.38
C PRO B 38 8.74 -5.99 13.19
N ASP B 39 7.95 -5.70 14.23
CA ASP B 39 6.51 -5.62 14.09
C ASP B 39 5.94 -4.24 14.38
N SER B 40 6.78 -3.22 14.54
CA SER B 40 6.30 -1.89 14.94
C SER B 40 6.93 -0.81 14.07
N TYR B 41 6.11 -0.05 13.38
CA TYR B 41 6.58 0.99 12.47
C TYR B 41 5.86 2.29 12.78
N ASN B 42 6.59 3.39 12.66
CA ASN B 42 6.00 4.71 12.80
C ASN B 42 6.15 5.43 11.47
N LYS B 43 5.09 6.11 11.04
CA LYS B 43 5.10 6.82 9.77
C LYS B 43 4.78 8.28 10.01
N HIS B 44 5.63 9.16 9.47
CA HIS B 44 5.39 10.59 9.49
C HIS B 44 5.10 11.08 8.07
N LEU B 45 4.02 11.83 7.89
CA LEU B 45 3.68 12.41 6.59
C LEU B 45 4.22 13.84 6.48
N PHE B 46 5.01 14.09 5.44
CA PHE B 46 5.47 15.46 5.15
C PHE B 46 4.39 16.28 4.45
N VAL B 47 3.75 15.69 3.43
CA VAL B 47 2.63 16.32 2.72
C VAL B 47 1.68 15.19 2.35
N HIS B 48 0.43 15.54 2.07
CA HIS B 48 -0.53 14.54 1.66
C HIS B 48 -1.70 15.20 0.96
N ILE B 49 -2.23 14.48 -0.03
CA ILE B 49 -3.45 14.86 -0.74
C ILE B 49 -4.38 13.65 -0.77
N GLY B 50 -5.66 13.89 -0.51
CA GLY B 50 -6.66 12.86 -0.67
C GLY B 50 -6.89 11.98 0.53
N HIS B 51 -6.41 12.39 1.70
CA HIS B 51 -6.61 11.60 2.92
C HIS B 51 -7.80 12.11 3.72
N ASP B 58 -15.34 17.41 -8.43
CA ASP B 58 -15.17 18.41 -9.48
C ASP B 58 -15.28 19.82 -8.90
N PRO B 59 -14.32 20.21 -8.07
CA PRO B 59 -14.45 21.45 -7.31
C PRO B 59 -14.19 22.69 -8.13
N LEU B 60 -14.69 23.82 -7.63
CA LEU B 60 -14.30 25.11 -8.14
C LEU B 60 -12.86 25.40 -7.71
N LEU B 61 -11.99 25.62 -8.68
CA LEU B 61 -10.58 25.89 -8.41
C LEU B 61 -10.24 27.28 -8.89
N GLU B 62 -9.56 28.04 -8.04
CA GLU B 62 -9.03 29.31 -8.48
C GLU B 62 -7.85 29.09 -9.43
N SER B 63 -7.44 30.18 -10.08
CA SER B 63 -6.40 30.13 -11.09
C SER B 63 -5.17 30.90 -10.65
N VAL B 64 -4.03 30.48 -11.16
CA VAL B 64 -2.77 31.22 -11.04
C VAL B 64 -2.27 31.37 -12.46
N ASP B 65 -1.88 32.58 -12.83
CA ASP B 65 -1.38 32.76 -14.18
C ASP B 65 -0.02 32.12 -14.29
N ILE B 66 0.16 31.30 -15.34
CA ILE B 66 1.39 30.58 -15.46
C ILE B 66 2.57 31.53 -15.60
N ARG B 67 2.31 32.77 -16.04
CA ARG B 67 3.40 33.75 -16.09
C ARG B 67 3.94 34.09 -14.72
N GLN B 68 3.18 33.86 -13.64
CA GLN B 68 3.68 34.12 -12.29
C GLN B 68 4.70 33.11 -11.80
N ILE B 69 4.77 31.91 -12.39
CA ILE B 69 5.60 30.85 -11.82
C ILE B 69 6.64 30.34 -12.79
N TYR B 70 6.76 30.93 -13.98
CA TYR B 70 7.69 30.39 -14.97
C TYR B 70 9.11 30.27 -14.44
N ASP B 71 9.53 31.25 -13.63
CA ASP B 71 10.91 31.27 -13.12
C ASP B 71 11.21 30.18 -12.10
N LYS B 72 10.19 29.49 -11.60
CA LYS B 72 10.38 28.50 -10.55
C LYS B 72 10.48 27.09 -11.11
N PHE B 73 10.42 26.93 -12.42
CA PHE B 73 10.41 25.62 -13.07
C PHE B 73 11.28 25.68 -14.31
N PRO B 74 11.75 24.53 -14.79
CA PRO B 74 12.61 24.53 -15.99
C PRO B 74 11.85 25.09 -17.19
N GLU B 75 12.56 25.86 -18.02
CA GLU B 75 11.87 26.58 -19.10
C GLU B 75 12.54 26.46 -20.47
N LYS B 76 13.46 25.53 -20.66
CA LYS B 76 14.00 25.38 -21.99
C LYS B 76 13.26 24.27 -22.72
N LYS B 77 13.99 23.43 -23.47
CA LYS B 77 13.34 22.32 -24.14
C LYS B 77 12.66 21.42 -23.13
N GLY B 78 11.43 21.03 -23.41
CA GLY B 78 10.67 20.20 -22.50
C GLY B 78 10.26 20.87 -21.22
N GLY B 79 10.44 22.19 -21.11
CA GLY B 79 10.09 22.90 -19.90
C GLY B 79 8.59 23.05 -19.73
N LEU B 80 8.23 23.77 -18.66
CA LEU B 80 6.82 23.96 -18.29
C LEU B 80 6.07 24.76 -19.34
N LYS B 81 6.64 25.88 -19.78
CA LYS B 81 5.96 26.69 -20.79
C LYS B 81 5.75 25.91 -22.07
N GLU B 82 6.75 25.11 -22.47
CA GLU B 82 6.60 24.27 -23.66
C GLU B 82 5.49 23.24 -23.46
N LEU B 83 5.49 22.56 -22.31
CA LEU B 83 4.45 21.57 -22.01
C LEU B 83 3.07 22.19 -22.01
N PHE B 84 2.94 23.35 -21.36
CA PHE B 84 1.64 24.02 -21.29
C PHE B 84 1.16 24.43 -22.67
N GLY B 85 2.08 24.90 -23.51
CA GLY B 85 1.72 25.25 -24.87
C GLY B 85 1.17 24.07 -25.66
N LYS B 86 1.65 22.86 -25.37
CA LYS B 86 1.19 21.66 -26.05
C LYS B 86 -0.13 21.15 -25.48
N GLY B 87 -0.45 21.53 -24.25
CA GLY B 87 -1.74 21.22 -23.67
C GLY B 87 -1.96 19.75 -23.37
N PRO B 88 -3.22 19.38 -23.05
CA PRO B 88 -4.36 20.29 -22.90
C PRO B 88 -4.23 21.08 -21.62
N GLN B 89 -4.53 22.38 -21.71
CA GLN B 89 -4.21 23.27 -20.61
C GLN B 89 -5.04 22.99 -19.35
N ASN B 90 -6.20 22.33 -19.48
CA ASN B 90 -6.97 22.04 -18.27
C ASN B 90 -6.41 20.84 -17.50
N ALA B 91 -5.30 20.28 -17.95
CA ALA B 91 -4.59 19.26 -17.22
C ALA B 91 -3.52 19.84 -16.30
N PHE B 92 -3.39 21.16 -16.22
CA PHE B 92 -2.27 21.79 -15.53
C PHE B 92 -2.72 22.46 -14.25
N PHE B 93 -1.98 22.21 -13.17
CA PHE B 93 -2.35 22.72 -11.85
C PHE B 93 -1.11 23.22 -11.14
N LEU B 94 -1.33 24.20 -10.27
CA LEU B 94 -0.31 24.66 -9.33
C LEU B 94 -0.71 24.16 -7.96
N VAL B 95 0.19 23.47 -7.26
CA VAL B 95 -0.12 23.02 -5.91
C VAL B 95 0.79 23.75 -4.95
N LYS B 96 0.21 24.43 -3.96
CA LYS B 96 0.98 25.00 -2.86
C LYS B 96 0.94 24.03 -1.69
N PHE B 97 2.11 23.64 -1.19
CA PHE B 97 2.20 22.75 -0.04
C PHE B 97 2.70 23.50 1.18
N TRP B 98 2.12 23.19 2.34
CA TRP B 98 2.68 23.53 3.65
C TRP B 98 3.13 22.22 4.28
N ALA B 99 4.44 21.99 4.30
CA ALA B 99 5.01 20.69 4.66
C ALA B 99 5.20 20.57 6.16
N ASP B 100 4.93 19.38 6.68
CA ASP B 100 5.10 19.10 8.10
C ASP B 100 6.49 18.50 8.30
N LEU B 101 7.40 19.29 8.86
CA LEU B 101 8.77 18.84 9.10
C LEU B 101 9.02 18.48 10.57
N ASN B 102 7.96 18.28 11.35
CA ASN B 102 8.04 17.92 12.77
C ASN B 102 8.15 16.40 12.88
N CYS B 103 9.39 15.90 12.82
CA CYS B 103 9.63 14.49 13.09
C CYS B 103 11.05 14.34 13.61
N ASN B 104 11.30 13.25 14.31
CA ASN B 104 12.63 12.92 14.78
C ASN B 104 13.22 11.84 13.88
N ILE B 105 14.35 12.14 13.26
CA ILE B 105 15.01 11.25 12.33
C ILE B 105 16.11 10.48 13.06
N GLN B 106 16.07 9.15 12.98
CA GLN B 106 17.07 8.29 13.61
C GLN B 106 17.90 7.65 12.50
N ASP B 107 19.03 8.28 12.17
CA ASP B 107 19.95 7.76 11.16
C ASP B 107 20.74 6.56 11.67
N ASP B 108 20.89 5.54 10.84
CA ASP B 108 20.13 5.43 9.61
C ASP B 108 18.97 4.49 9.89
N ALA B 109 19.22 3.56 10.82
CA ALA B 109 18.21 2.67 11.42
C ALA B 109 17.23 2.08 10.41
N GLY B 110 17.65 1.96 9.16
CA GLY B 110 16.76 1.47 8.13
C GLY B 110 15.52 2.29 7.91
N ALA B 111 15.51 3.57 8.34
CA ALA B 111 14.41 4.46 8.02
C ALA B 111 14.12 4.40 6.53
N PHE B 112 12.86 4.61 6.15
CA PHE B 112 12.47 4.56 4.74
C PHE B 112 11.78 5.87 4.38
N TYR B 113 12.35 6.59 3.42
CA TYR B 113 11.76 7.80 2.85
C TYR B 113 11.05 7.41 1.57
N GLY B 114 9.75 7.72 1.45
CA GLY B 114 9.01 7.19 0.32
C GLY B 114 7.84 8.07 -0.06
N VAL B 115 7.26 7.75 -1.21
CA VAL B 115 6.13 8.49 -1.76
C VAL B 115 5.11 7.48 -2.26
N THR B 116 3.85 7.69 -1.94
CA THR B 116 2.77 6.85 -2.45
C THR B 116 1.83 7.73 -3.26
N SER B 117 1.39 7.25 -4.41
CA SER B 117 0.47 8.04 -5.23
C SER B 117 -0.54 7.10 -5.85
N GLN B 118 -1.74 7.64 -6.12
CA GLN B 118 -2.76 6.89 -6.85
C GLN B 118 -3.47 7.80 -7.83
N TYR B 119 -3.59 7.34 -9.09
CA TYR B 119 -4.35 8.03 -10.13
C TYR B 119 -5.46 7.09 -10.59
N GLU B 120 -6.49 7.65 -11.19
CA GLU B 120 -7.59 6.86 -11.70
C GLU B 120 -8.03 7.39 -13.07
N SER B 121 -8.55 6.48 -13.89
CA SER B 121 -9.04 6.83 -15.22
C SER B 121 -10.20 5.92 -15.59
N SER B 122 -11.06 6.40 -16.49
CA SER B 122 -12.08 5.50 -17.02
C SER B 122 -11.56 4.66 -18.18
N GLU B 123 -10.45 5.06 -18.77
CA GLU B 123 -9.87 4.37 -19.92
C GLU B 123 -8.63 3.59 -19.49
N ASN B 124 -8.40 2.46 -20.14
CA ASN B 124 -7.21 1.66 -19.90
C ASN B 124 -6.04 2.33 -20.62
N MET B 125 -5.06 2.80 -19.87
CA MET B 125 -3.85 3.38 -20.42
C MET B 125 -2.65 2.80 -19.70
N THR B 126 -1.48 2.92 -20.33
CA THR B 126 -0.23 2.77 -19.63
C THR B 126 0.35 4.17 -19.47
N VAL B 127 0.72 4.54 -18.24
CA VAL B 127 1.12 5.92 -18.00
C VAL B 127 2.57 5.96 -17.53
N THR B 128 3.21 7.10 -17.79
CA THR B 128 4.55 7.39 -17.30
C THR B 128 4.47 8.60 -16.38
N CYS B 129 5.00 8.45 -15.16
CA CYS B 129 5.04 9.52 -14.17
C CYS B 129 6.46 10.06 -14.08
N SER B 130 6.66 11.33 -14.41
CA SER B 130 7.96 11.99 -14.30
C SER B 130 7.90 12.99 -13.16
N THR B 131 8.81 12.83 -12.20
CA THR B 131 8.89 13.74 -11.06
C THR B 131 10.24 14.45 -11.14
N LYS B 132 10.21 15.76 -11.37
CA LYS B 132 11.44 16.55 -11.47
C LYS B 132 11.62 17.37 -10.20
N VAL B 133 12.75 17.16 -9.54
CA VAL B 133 13.12 17.98 -8.39
C VAL B 133 13.88 19.17 -8.92
N CYS B 134 13.46 20.37 -8.53
CA CYS B 134 14.03 21.59 -9.09
C CYS B 134 14.58 22.50 -8.00
N SER B 135 15.70 23.15 -8.32
CA SER B 135 16.35 24.10 -7.42
C SER B 135 16.57 25.40 -8.19
N PHE B 136 16.00 26.49 -7.70
CA PHE B 136 16.06 27.76 -8.40
C PHE B 136 15.58 27.61 -9.82
N GLY B 137 14.56 26.78 -10.01
CA GLY B 137 14.00 26.53 -11.31
C GLY B 137 14.79 25.59 -12.21
N LYS B 138 15.90 25.02 -11.73
CA LYS B 138 16.71 24.12 -12.55
C LYS B 138 16.49 22.70 -12.08
N GLN B 139 16.25 21.79 -13.03
CA GLN B 139 16.12 20.38 -12.71
C GLN B 139 17.42 19.86 -12.13
N VAL B 140 17.33 19.17 -11.00
CA VAL B 140 18.48 18.54 -10.36
C VAL B 140 18.41 17.02 -10.44
N VAL B 141 17.21 16.45 -10.31
CA VAL B 141 16.99 15.01 -10.41
C VAL B 141 15.66 14.81 -11.11
N GLU B 142 15.54 13.72 -11.87
CA GLU B 142 14.25 13.30 -12.40
C GLU B 142 14.01 11.82 -12.11
N LYS B 143 12.83 11.50 -11.60
CA LYS B 143 12.40 10.14 -11.42
C LYS B 143 11.36 9.81 -12.49
N VAL B 144 11.50 8.66 -13.14
CA VAL B 144 10.56 8.25 -14.18
C VAL B 144 10.04 6.86 -13.84
N GLU B 145 8.72 6.73 -13.75
CA GLU B 145 8.07 5.48 -13.35
C GLU B 145 6.97 5.20 -14.35
N THR B 146 6.92 3.97 -14.87
CA THR B 146 5.86 3.57 -15.78
C THR B 146 4.91 2.60 -15.09
N GLU B 147 3.61 2.79 -15.30
CA GLU B 147 2.59 2.01 -14.60
C GLU B 147 1.55 1.52 -15.58
N TYR B 148 1.34 0.21 -15.63
CA TYR B 148 0.20 -0.35 -16.36
C TYR B 148 -1.05 -0.21 -15.52
N ALA B 149 -2.21 -0.18 -16.19
CA ALA B 149 -3.46 -0.03 -15.48
C ALA B 149 -3.89 -1.33 -14.81
N ARG B 150 -4.67 -1.17 -13.76
CA ARG B 150 -5.36 -2.27 -13.11
C ARG B 150 -6.83 -1.89 -12.95
N PHE B 151 -7.72 -2.78 -13.34
CA PHE B 151 -9.13 -2.52 -13.13
C PHE B 151 -9.48 -2.81 -11.68
N GLU B 152 -10.13 -1.84 -11.04
CA GLU B 152 -10.57 -1.99 -9.67
C GLU B 152 -11.87 -1.22 -9.47
N ASN B 153 -12.91 -1.91 -9.00
CA ASN B 153 -14.13 -1.25 -8.56
C ASN B 153 -14.63 -0.25 -9.60
N GLY B 154 -14.69 -0.70 -10.85
CA GLY B 154 -15.37 0.06 -11.88
C GLY B 154 -14.51 1.05 -12.64
N ARG B 155 -13.22 1.17 -12.34
CA ARG B 155 -12.38 2.09 -13.08
C ARG B 155 -10.96 1.55 -13.09
N PHE B 156 -10.08 2.23 -13.80
CA PHE B 156 -8.68 1.84 -13.86
C PHE B 156 -7.87 2.66 -12.85
N VAL B 157 -7.03 1.98 -12.10
CA VAL B 157 -6.30 2.58 -11.00
C VAL B 157 -4.81 2.39 -11.25
N TYR B 158 -4.03 3.43 -10.96
CA TYR B 158 -2.59 3.42 -11.14
C TYR B 158 -1.99 3.77 -9.78
N ARG B 159 -1.49 2.78 -9.06
CA ARG B 159 -1.02 3.03 -7.70
C ARG B 159 0.46 2.74 -7.63
N ILE B 160 1.23 3.74 -7.23
CA ILE B 160 2.65 3.60 -6.92
C ILE B 160 2.74 3.49 -5.41
N ASN B 161 3.07 2.31 -4.90
CA ASN B 161 3.17 2.09 -3.48
C ASN B 161 4.64 2.20 -3.07
N ARG B 162 4.90 3.05 -2.08
CA ARG B 162 6.19 3.10 -1.42
C ARG B 162 7.34 3.27 -2.41
N SER B 163 7.20 4.29 -3.26
CA SER B 163 8.29 4.64 -4.16
C SER B 163 9.40 5.31 -3.36
N PRO B 164 10.65 4.84 -3.45
CA PRO B 164 11.71 5.40 -2.60
C PRO B 164 12.09 6.80 -3.04
N MET B 165 12.30 7.68 -2.05
CA MET B 165 12.81 9.01 -2.35
C MET B 165 14.24 8.94 -2.84
N CYS B 166 14.58 9.86 -3.74
CA CYS B 166 15.95 9.93 -4.24
C CYS B 166 16.88 10.49 -3.16
N GLU B 167 18.18 10.25 -3.35
CA GLU B 167 19.15 10.67 -2.36
C GLU B 167 19.11 12.17 -2.13
N TYR B 168 18.97 12.96 -3.20
CA TYR B 168 18.90 14.41 -3.05
C TYR B 168 17.81 14.82 -2.08
N MET B 169 16.63 14.22 -2.21
CA MET B 169 15.52 14.59 -1.34
C MET B 169 15.79 14.19 0.10
N ILE B 170 16.34 13.00 0.32
CA ILE B 170 16.67 12.59 1.69
C ILE B 170 17.66 13.55 2.31
N ASN B 171 18.71 13.91 1.57
CA ASN B 171 19.70 14.88 2.06
C ASN B 171 19.07 16.25 2.26
N PHE B 172 18.16 16.64 1.36
CA PHE B 172 17.50 17.94 1.48
C PHE B 172 16.67 18.02 2.76
N ILE B 173 15.95 16.95 3.08
CA ILE B 173 15.14 16.94 4.30
C ILE B 173 16.04 17.03 5.53
N HIS B 174 17.18 16.35 5.51
CA HIS B 174 18.12 16.46 6.62
C HIS B 174 18.63 17.89 6.78
N LYS B 175 18.99 18.55 5.68
CA LYS B 175 19.49 19.91 5.79
C LYS B 175 18.43 20.83 6.36
N LEU B 176 17.16 20.61 5.99
CA LEU B 176 16.07 21.42 6.56
C LEU B 176 15.94 21.20 8.06
N LYS B 177 16.04 19.94 8.50
CA LYS B 177 15.86 19.63 9.91
C LYS B 177 17.02 20.07 10.78
N HIS B 178 18.15 20.45 10.19
CA HIS B 178 19.28 20.95 10.97
C HIS B 178 19.29 22.47 11.07
N LEU B 179 18.46 23.16 10.30
CA LEU B 179 18.32 24.60 10.46
C LEU B 179 17.60 24.90 11.77
N PRO B 180 18.02 25.94 12.50
CA PRO B 180 17.47 26.18 13.84
C PRO B 180 16.12 26.86 13.90
N GLU B 181 15.58 27.38 12.80
CA GLU B 181 14.30 28.09 12.88
C GLU B 181 13.55 28.00 11.57
N LYS B 182 12.22 28.22 11.66
CA LYS B 182 11.34 28.01 10.52
C LYS B 182 11.50 29.09 9.46
N TYR B 183 11.84 30.32 9.86
CA TYR B 183 12.07 31.35 8.86
C TYR B 183 13.26 31.00 7.99
N MET B 184 14.21 30.23 8.53
CA MET B 184 15.33 29.75 7.73
C MET B 184 14.88 28.62 6.80
N MET B 185 13.98 27.75 7.27
CA MET B 185 13.45 26.71 6.41
C MET B 185 12.73 27.31 5.21
N ASN B 186 11.82 28.25 5.46
CA ASN B 186 11.08 28.86 4.36
C ASN B 186 12.00 29.52 3.34
N SER B 187 13.11 30.12 3.80
CA SER B 187 14.05 30.71 2.84
C SER B 187 14.65 29.65 1.94
N VAL B 188 14.98 28.47 2.49
CA VAL B 188 15.47 27.39 1.65
C VAL B 188 14.35 26.83 0.78
N LEU B 189 13.16 26.65 1.37
CA LEU B 189 12.06 26.07 0.60
C LEU B 189 11.56 27.01 -0.49
N GLU B 190 11.83 28.31 -0.38
CA GLU B 190 11.34 29.22 -1.39
C GLU B 190 11.86 28.89 -2.79
N ASN B 191 13.02 28.23 -2.90
CA ASN B 191 13.58 27.95 -4.21
C ASN B 191 13.60 26.46 -4.54
N PHE B 192 12.80 25.67 -3.82
CA PHE B 192 12.65 24.24 -4.04
C PHE B 192 11.27 24.01 -4.65
N THR B 193 11.22 23.36 -5.82
CA THR B 193 9.93 23.08 -6.44
C THR B 193 9.96 21.68 -7.03
N ILE B 194 8.78 21.14 -7.26
CA ILE B 194 8.64 19.81 -7.84
C ILE B 194 7.71 19.95 -9.04
N LEU B 195 8.08 19.35 -10.16
CA LEU B 195 7.21 19.34 -11.32
C LEU B 195 6.85 17.89 -11.62
N LEU B 196 5.57 17.57 -11.53
CA LEU B 196 5.07 16.22 -11.75
C LEU B 196 4.32 16.21 -13.07
N VAL B 197 4.76 15.37 -14.00
CA VAL B 197 4.10 15.25 -15.30
C VAL B 197 3.73 13.79 -15.52
N VAL B 198 2.44 13.52 -15.71
CA VAL B 198 1.97 12.18 -16.05
C VAL B 198 1.55 12.18 -17.50
N THR B 199 2.10 11.24 -18.28
CA THR B 199 1.81 11.15 -19.71
C THR B 199 1.25 9.77 -20.04
N ASN B 200 0.50 9.72 -21.13
CA ASN B 200 0.11 8.46 -21.74
C ASN B 200 1.34 7.92 -22.44
N ARG B 201 1.88 6.81 -21.96
CA ARG B 201 3.11 6.25 -22.54
C ARG B 201 2.96 6.00 -24.04
N ASP B 202 1.77 5.59 -24.48
CA ASP B 202 1.59 5.14 -25.85
C ASP B 202 1.39 6.28 -26.84
N THR B 203 0.91 7.43 -26.40
CA THR B 203 0.74 8.58 -27.29
C THR B 203 1.63 9.75 -26.90
N GLN B 204 2.23 9.71 -25.72
CA GLN B 204 3.03 10.76 -25.08
C GLN B 204 2.22 12.04 -24.87
N GLU B 205 0.89 11.94 -24.88
CA GLU B 205 0.03 13.05 -24.48
C GLU B 205 0.13 13.32 -22.98
N THR B 206 0.11 14.60 -22.61
CA THR B 206 0.07 14.99 -21.20
C THR B 206 -1.30 14.69 -20.62
N LEU B 207 -1.34 13.91 -19.55
CA LEU B 207 -2.57 13.65 -18.82
C LEU B 207 -2.77 14.55 -17.62
N LEU B 208 -1.69 14.89 -16.93
CA LEU B 208 -1.76 15.68 -15.70
C LEU B 208 -0.41 16.32 -15.50
N CYS B 209 -0.40 17.59 -15.12
CA CYS B 209 0.84 18.25 -14.78
C CYS B 209 0.61 19.06 -13.51
N MET B 210 1.41 18.80 -12.47
CA MET B 210 1.29 19.49 -11.21
C MET B 210 2.60 20.21 -10.91
N ALA B 211 2.55 21.53 -10.90
CA ALA B 211 3.68 22.36 -10.53
C ALA B 211 3.57 22.70 -9.05
N CYS B 212 4.55 22.30 -8.26
CA CYS B 212 4.42 22.27 -6.82
C CYS B 212 5.40 23.22 -6.16
N VAL B 213 4.89 24.07 -5.25
CA VAL B 213 5.70 25.01 -4.49
C VAL B 213 5.48 24.72 -3.01
N PHE B 214 6.43 25.20 -2.19
CA PHE B 214 6.53 24.71 -0.82
C PHE B 214 6.83 25.80 0.19
N GLU B 215 6.24 25.66 1.38
CA GLU B 215 6.56 26.39 2.59
C GLU B 215 6.42 25.40 3.75
N VAL B 216 6.85 25.83 4.94
CA VAL B 216 6.70 25.00 6.13
C VAL B 216 5.33 25.24 6.74
N SER B 217 4.73 24.17 7.26
CA SER B 217 3.45 24.35 7.93
C SER B 217 3.64 25.00 9.29
N ASN B 218 2.66 25.81 9.66
CA ASN B 218 2.53 26.35 11.01
C ASN B 218 1.35 25.75 11.77
N SER B 219 0.49 24.98 11.09
CA SER B 219 -0.79 24.55 11.62
C SER B 219 -0.61 23.43 12.64
N GLU B 220 -1.50 23.43 13.65
CA GLU B 220 -1.50 22.36 14.63
C GLU B 220 -2.03 21.06 14.07
N HIS B 221 -2.75 21.11 12.94
CA HIS B 221 -3.22 19.92 12.25
C HIS B 221 -2.24 19.43 11.19
N GLY B 222 -1.06 20.06 11.09
CA GLY B 222 0.02 19.54 10.26
C GLY B 222 0.06 20.05 8.83
N ALA B 223 0.31 19.15 7.90
CA ALA B 223 0.49 19.52 6.51
C ALA B 223 -0.81 20.02 5.90
N GLN B 224 -0.68 20.97 4.96
CA GLN B 224 -1.82 21.51 4.24
C GLN B 224 -1.43 21.69 2.77
N HIS B 225 -2.44 21.91 1.94
CA HIS B 225 -2.18 22.18 0.53
C HIS B 225 -3.35 22.98 -0.03
N HIS B 226 -3.09 23.62 -1.17
CA HIS B 226 -4.11 24.32 -1.94
C HIS B 226 -3.83 24.12 -3.42
N ILE B 227 -4.85 23.74 -4.19
CA ILE B 227 -4.72 23.43 -5.60
C ILE B 227 -5.33 24.56 -6.42
N TYR B 228 -4.60 25.02 -7.43
CA TYR B 228 -5.05 26.05 -8.35
C TYR B 228 -4.98 25.52 -9.78
N ARG B 229 -5.86 26.02 -10.65
CA ARG B 229 -5.66 25.80 -12.07
C ARG B 229 -4.60 26.74 -12.60
N LEU B 230 -3.72 26.21 -13.46
CA LEU B 230 -2.74 27.04 -14.15
C LEU B 230 -3.32 27.53 -15.46
N VAL B 231 -3.29 28.85 -15.67
CA VAL B 231 -3.91 29.47 -16.85
C VAL B 231 -2.91 30.42 -17.49
N LYS B 232 -3.23 30.84 -18.72
CA LYS B 232 -2.41 31.85 -19.41
C LYS B 232 -3.39 32.86 -19.99
N ASP B 233 -3.80 33.81 -19.16
CA ASP B 233 -4.82 34.78 -19.56
C ASP B 233 -4.28 35.82 -20.54
P PO4 C . 8.76 -13.04 6.85
O1 PO4 C . 10.04 -12.31 6.53
O2 PO4 C . 7.61 -12.06 6.76
O3 PO4 C . 8.83 -13.58 8.25
O4 PO4 C . 8.55 -14.14 5.83
P PO4 D . -5.85 15.82 2.48
O1 PO4 D . -5.16 17.01 3.09
O2 PO4 D . -4.87 14.66 2.45
O3 PO4 D . -6.32 16.12 1.07
O4 PO4 D . -7.04 15.45 3.33
#